data_1XW8
#
_entry.id   1XW8
#
_cell.length_a   72.669
_cell.length_b   37.208
_cell.length_c   79.801
_cell.angle_alpha   90.00
_cell.angle_beta   93.97
_cell.angle_gamma   90.00
#
_symmetry.space_group_name_H-M   'C 1 2 1'
#
loop_
_entity.id
_entity.type
_entity.pdbx_description
1 polymer 'UPF0271 protein ybgL'
2 water water
#
_entity_poly.entity_id   1
_entity_poly.type   'polypeptide(L)'
_entity_poly.pdbx_seq_one_letter_code
;(MSE)KIDLNADLGEGCASDAELLTLVSSANIACGFHAGDAQI(MSE)QACVREAIKNGVAIGAHPSFPDRENFGRSA
(MSE)QLPPETVYAQTLYQIGALATIARAQGGV(MSE)RHVKPHG(MSE)LYNQAAKEAQLADAIARAVYACDPALILVG
LAGSELIRAGKQYGLTTREEVFADRGYQADGSLVPRSQSGALIENEEQALAQTLE(MSE)VQHGRVKSITGEWATVAAQT
VCLHGDGEHALAFARRLRSAFAEKGIVVAALEHHHHHH
;
_entity_poly.pdbx_strand_id   A
#
# COMPACT_ATOMS: atom_id res chain seq x y z
N MSE A 1 4.50 17.61 11.04
CA MSE A 1 3.51 16.61 10.55
C MSE A 1 3.83 16.17 9.13
O MSE A 1 3.88 16.99 8.22
CB MSE A 1 2.09 17.18 10.60
CG MSE A 1 1.02 16.23 10.10
SE MSE A 1 -0.74 17.01 10.16
CE MSE A 1 -0.77 17.83 8.41
N LYS A 2 4.04 14.87 8.95
CA LYS A 2 4.36 14.31 7.64
C LYS A 2 3.34 13.26 7.21
N ILE A 3 3.30 13.01 5.91
CA ILE A 3 2.41 12.02 5.33
C ILE A 3 3.17 11.30 4.22
N ASP A 4 2.87 10.02 4.03
CA ASP A 4 3.51 9.25 2.97
C ASP A 4 2.49 8.98 1.87
N LEU A 5 2.92 9.10 0.62
CA LEU A 5 2.04 8.84 -0.50
C LEU A 5 2.67 7.70 -1.24
N ASN A 6 1.87 6.71 -1.61
CA ASN A 6 2.39 5.54 -2.32
C ASN A 6 1.63 5.28 -3.62
N ALA A 7 2.30 4.64 -4.57
CA ALA A 7 1.70 4.30 -5.85
C ALA A 7 2.16 2.93 -6.30
N ASP A 8 1.28 2.21 -6.98
CA ASP A 8 1.59 0.87 -7.47
C ASP A 8 2.28 0.97 -8.83
N LEU A 9 3.43 0.32 -8.97
CA LEU A 9 4.18 0.34 -10.21
C LEU A 9 4.59 -1.06 -10.64
N GLY A 10 5.36 -1.15 -11.72
CA GLY A 10 5.82 -2.43 -12.21
C GLY A 10 4.75 -3.23 -12.93
N GLU A 11 3.68 -2.55 -13.30
CA GLU A 11 2.58 -3.21 -14.00
C GLU A 11 2.60 -2.80 -15.47
N GLY A 12 3.57 -1.96 -15.82
CA GLY A 12 3.70 -1.49 -17.19
C GLY A 12 2.60 -0.52 -17.59
N CYS A 13 1.56 -0.45 -16.76
CA CYS A 13 0.42 0.42 -17.02
C CYS A 13 0.62 1.84 -16.50
N ALA A 14 -0.23 2.75 -16.97
CA ALA A 14 -0.17 4.14 -16.56
C ALA A 14 1.20 4.75 -16.80
N SER A 15 1.42 5.91 -16.19
CA SER A 15 2.67 6.63 -16.32
C SER A 15 3.39 6.59 -14.98
N ASP A 16 4.20 5.56 -14.80
CA ASP A 16 4.95 5.39 -13.57
C ASP A 16 5.96 6.52 -13.44
N ALA A 17 6.44 7.00 -14.58
CA ALA A 17 7.42 8.08 -14.61
C ALA A 17 6.99 9.32 -13.84
N GLU A 18 5.92 9.97 -14.29
CA GLU A 18 5.43 11.18 -13.64
C GLU A 18 4.94 10.93 -12.22
N LEU A 19 4.35 9.77 -11.99
CA LEU A 19 3.82 9.44 -10.68
C LEU A 19 4.94 9.32 -9.64
N LEU A 20 6.13 8.92 -10.09
CA LEU A 20 7.28 8.78 -9.19
C LEU A 20 7.86 10.14 -8.84
N THR A 21 7.34 11.18 -9.49
CA THR A 21 7.81 12.52 -9.24
C THR A 21 7.00 13.16 -8.11
N LEU A 22 5.81 12.63 -7.86
CA LEU A 22 4.96 13.18 -6.82
C LEU A 22 4.62 12.25 -5.66
N VAL A 23 5.24 11.08 -5.64
CA VAL A 23 4.97 10.08 -4.60
C VAL A 23 6.22 9.80 -3.77
N SER A 24 6.03 9.38 -2.52
CA SER A 24 7.19 9.11 -1.66
C SER A 24 7.57 7.64 -1.55
N SER A 25 6.62 6.75 -1.83
CA SER A 25 6.87 5.31 -1.78
C SER A 25 6.29 4.63 -3.00
N ALA A 26 6.94 3.56 -3.44
CA ALA A 26 6.49 2.81 -4.60
C ALA A 26 6.23 1.36 -4.20
N ASN A 27 5.16 0.78 -4.74
CA ASN A 27 4.80 -0.62 -4.48
C ASN A 27 5.00 -1.30 -5.84
N ILE A 28 6.08 -2.06 -5.96
CA ILE A 28 6.39 -2.73 -7.23
C ILE A 28 5.85 -4.15 -7.37
N ALA A 29 5.11 -4.40 -8.45
CA ALA A 29 4.56 -5.73 -8.71
C ALA A 29 5.73 -6.72 -8.74
N CYS A 30 5.48 -7.96 -8.33
CA CYS A 30 6.54 -8.96 -8.27
C CYS A 30 6.44 -10.13 -9.23
N GLY A 31 5.84 -9.92 -10.41
CA GLY A 31 5.77 -11.01 -11.37
C GLY A 31 4.59 -11.97 -11.37
N PHE A 32 3.73 -11.92 -10.35
CA PHE A 32 2.57 -12.82 -10.35
C PHE A 32 1.39 -12.14 -11.04
N HIS A 33 0.70 -11.22 -10.35
CA HIS A 33 -0.43 -10.52 -10.96
C HIS A 33 0.00 -9.63 -12.12
N ALA A 34 1.22 -9.12 -12.07
CA ALA A 34 1.73 -8.25 -13.12
C ALA A 34 3.25 -8.08 -13.02
N GLY A 35 3.84 -7.48 -14.05
CA GLY A 35 5.28 -7.25 -14.06
C GLY A 35 6.12 -8.49 -14.26
N ASP A 36 7.43 -8.27 -14.31
CA ASP A 36 8.39 -9.36 -14.46
C ASP A 36 9.73 -8.83 -13.97
N ALA A 37 10.72 -9.70 -13.91
CA ALA A 37 12.04 -9.32 -13.41
C ALA A 37 12.60 -8.05 -14.06
N GLN A 38 12.55 -7.98 -15.38
CA GLN A 38 13.08 -6.81 -16.06
C GLN A 38 12.35 -5.53 -15.66
N ILE A 39 11.02 -5.63 -15.58
CA ILE A 39 10.19 -4.50 -15.20
C ILE A 39 10.52 -4.10 -13.77
N MSE A 40 10.68 -5.11 -12.91
CA MSE A 40 11.03 -4.84 -11.52
C MSE A 40 12.37 -4.12 -11.46
O MSE A 40 12.56 -3.19 -10.68
CB MSE A 40 11.11 -6.14 -10.73
CG MSE A 40 9.77 -6.74 -10.46
SE MSE A 40 9.75 -8.68 -10.27
CE MSE A 40 10.39 -8.74 -8.42
N GLN A 41 13.31 -4.56 -12.29
CA GLN A 41 14.64 -3.98 -12.32
C GLN A 41 14.62 -2.51 -12.76
N ALA A 42 13.79 -2.18 -13.74
CA ALA A 42 13.70 -0.80 -14.22
C ALA A 42 12.94 0.07 -13.21
N CYS A 43 11.93 -0.50 -12.55
CA CYS A 43 11.17 0.26 -11.56
C CYS A 43 12.05 0.65 -10.38
N VAL A 44 12.90 -0.27 -9.93
CA VAL A 44 13.79 0.02 -8.83
C VAL A 44 14.72 1.17 -9.16
N ARG A 45 15.34 1.10 -10.34
CA ARG A 45 16.26 2.15 -10.77
C ARG A 45 15.57 3.50 -10.84
N GLU A 46 14.37 3.52 -11.40
CA GLU A 46 13.63 4.76 -11.48
C GLU A 46 13.30 5.23 -10.07
N ALA A 47 13.00 4.30 -9.17
CA ALA A 47 12.67 4.66 -7.79
C ALA A 47 13.83 5.33 -7.10
N ILE A 48 15.03 4.77 -7.22
CA ILE A 48 16.19 5.35 -6.57
C ILE A 48 16.53 6.68 -7.22
N LYS A 49 16.21 6.80 -8.51
CA LYS A 49 16.45 8.00 -9.29
C LYS A 49 15.64 9.14 -8.71
N ASN A 50 14.39 8.86 -8.32
CA ASN A 50 13.52 9.87 -7.75
C ASN A 50 13.55 9.94 -6.22
N GLY A 51 14.40 9.11 -5.60
CA GLY A 51 14.49 9.09 -4.15
C GLY A 51 13.23 8.54 -3.52
N VAL A 52 12.61 7.57 -4.19
CA VAL A 52 11.38 6.96 -3.69
C VAL A 52 11.68 5.64 -2.97
N ALA A 53 11.05 5.44 -1.82
CA ALA A 53 11.27 4.21 -1.06
C ALA A 53 10.73 3.01 -1.82
N ILE A 54 11.57 2.00 -1.97
CA ILE A 54 11.22 0.78 -2.69
C ILE A 54 10.42 -0.20 -1.82
N GLY A 55 9.29 -0.66 -2.35
CA GLY A 55 8.47 -1.61 -1.62
C GLY A 55 7.91 -2.66 -2.55
N ALA A 56 7.55 -3.81 -2.01
CA ALA A 56 6.99 -4.89 -2.81
C ALA A 56 5.47 -4.87 -2.79
N HIS A 57 4.88 -5.31 -3.90
CA HIS A 57 3.42 -5.37 -4.07
C HIS A 57 3.02 -6.81 -4.44
N PRO A 58 3.32 -7.78 -3.54
CA PRO A 58 3.01 -9.19 -3.75
C PRO A 58 1.51 -9.48 -3.87
N SER A 59 1.17 -10.49 -4.67
CA SER A 59 -0.22 -10.86 -4.90
C SER A 59 -0.43 -12.37 -4.81
N PHE A 60 -1.68 -12.80 -5.02
CA PHE A 60 -2.02 -14.21 -5.05
C PHE A 60 -1.50 -14.66 -6.41
N PRO A 61 -1.30 -15.96 -6.60
CA PRO A 61 -0.81 -16.45 -7.91
C PRO A 61 -1.93 -16.43 -8.94
N SER A 69 -16.78 -17.50 -4.82
CA SER A 69 -15.63 -18.29 -5.28
C SER A 69 -14.43 -18.03 -4.38
N ALA A 70 -14.68 -17.95 -3.07
CA ALA A 70 -13.62 -17.70 -2.11
C ALA A 70 -13.03 -19.01 -1.58
N MSE A 71 -12.28 -19.69 -2.44
CA MSE A 71 -11.66 -20.96 -2.08
C MSE A 71 -10.36 -20.69 -1.31
O MSE A 71 -9.42 -20.10 -1.84
CB MSE A 71 -11.39 -21.78 -3.34
CG MSE A 71 -10.80 -23.15 -3.10
SE MSE A 71 -10.91 -24.26 -4.69
CE MSE A 71 -9.44 -23.50 -5.71
N GLN A 72 -10.34 -21.10 -0.05
CA GLN A 72 -9.19 -20.88 0.81
C GLN A 72 -7.88 -21.51 0.33
N LEU A 73 -6.86 -20.67 0.26
CA LEU A 73 -5.51 -21.08 -0.10
C LEU A 73 -4.83 -21.12 1.27
N PRO A 74 -4.40 -22.30 1.73
CA PRO A 74 -3.76 -22.46 3.04
C PRO A 74 -2.72 -21.38 3.33
N PRO A 75 -2.73 -20.84 4.55
CA PRO A 75 -1.76 -19.80 4.92
C PRO A 75 -0.32 -20.16 4.53
N GLU A 76 0.05 -21.42 4.72
CA GLU A 76 1.39 -21.88 4.40
C GLU A 76 1.78 -21.55 2.96
N THR A 77 0.83 -21.76 2.05
CA THR A 77 1.04 -21.49 0.63
C THR A 77 1.23 -20.01 0.40
N VAL A 78 0.37 -19.20 1.00
CA VAL A 78 0.45 -17.76 0.83
C VAL A 78 1.78 -17.28 1.40
N TYR A 79 2.16 -17.82 2.54
CA TYR A 79 3.42 -17.47 3.17
C TYR A 79 4.58 -17.73 2.18
N ALA A 80 4.64 -18.94 1.66
CA ALA A 80 5.68 -19.32 0.71
C ALA A 80 5.71 -18.42 -0.53
N GLN A 81 4.54 -18.18 -1.10
CA GLN A 81 4.41 -17.36 -2.30
C GLN A 81 4.78 -15.91 -2.04
N THR A 82 4.50 -15.44 -0.82
CA THR A 82 4.85 -14.08 -0.44
C THR A 82 6.36 -13.94 -0.36
N LEU A 83 7.03 -14.89 0.31
CA LEU A 83 8.50 -14.88 0.43
C LEU A 83 9.13 -14.87 -0.96
N TYR A 84 8.64 -15.79 -1.80
CA TYR A 84 9.12 -15.91 -3.16
C TYR A 84 9.11 -14.53 -3.84
N GLN A 85 7.99 -13.82 -3.78
CA GLN A 85 7.87 -12.51 -4.42
C GLN A 85 8.69 -11.37 -3.80
N ILE A 86 8.64 -11.23 -2.48
CA ILE A 86 9.38 -10.14 -1.87
C ILE A 86 10.87 -10.40 -1.82
N GLY A 87 11.25 -11.68 -1.79
CA GLY A 87 12.67 -12.03 -1.79
C GLY A 87 13.23 -11.76 -3.18
N ALA A 88 12.43 -11.98 -4.21
CA ALA A 88 12.87 -11.71 -5.57
C ALA A 88 13.15 -10.21 -5.72
N LEU A 89 12.22 -9.38 -5.26
CA LEU A 89 12.41 -7.93 -5.39
C LEU A 89 13.54 -7.38 -4.51
N ALA A 90 13.66 -7.90 -3.29
CA ALA A 90 14.70 -7.47 -2.38
C ALA A 90 16.07 -7.74 -2.99
N THR A 91 16.22 -8.89 -3.65
CA THR A 91 17.48 -9.26 -4.27
C THR A 91 17.76 -8.36 -5.48
N ILE A 92 16.71 -8.04 -6.24
CA ILE A 92 16.85 -7.17 -7.40
C ILE A 92 17.20 -5.75 -6.93
N ALA A 93 16.55 -5.33 -5.85
CA ALA A 93 16.80 -4.01 -5.29
C ALA A 93 18.24 -3.87 -4.78
N ARG A 94 18.68 -4.82 -3.95
CA ARG A 94 20.04 -4.78 -3.41
C ARG A 94 21.13 -4.86 -4.49
N ALA A 95 20.80 -5.53 -5.60
CA ALA A 95 21.76 -5.66 -6.69
C ALA A 95 22.13 -4.29 -7.24
N GLN A 96 21.19 -3.34 -7.13
CA GLN A 96 21.41 -1.97 -7.60
C GLN A 96 21.87 -1.05 -6.47
N GLY A 97 22.18 -1.62 -5.31
CA GLY A 97 22.62 -0.82 -4.18
C GLY A 97 21.44 -0.17 -3.50
N GLY A 98 20.25 -0.71 -3.75
CA GLY A 98 19.04 -0.19 -3.14
C GLY A 98 18.55 -1.07 -2.00
N VAL A 99 17.55 -0.59 -1.27
CA VAL A 99 17.01 -1.35 -0.15
C VAL A 99 15.49 -1.37 -0.20
N MSE A 100 14.92 -2.55 -0.08
CA MSE A 100 13.46 -2.66 -0.09
C MSE A 100 13.02 -2.29 1.31
O MSE A 100 13.48 -2.89 2.27
CB MSE A 100 13.04 -4.09 -0.43
CG MSE A 100 11.54 -4.34 -0.40
SE MSE A 100 11.18 -6.15 -1.05
CE MSE A 100 11.50 -7.17 0.60
N ARG A 101 12.12 -1.32 1.41
CA ARG A 101 11.66 -0.82 2.70
C ARG A 101 10.29 -1.26 3.21
N HIS A 102 9.38 -1.65 2.32
CA HIS A 102 8.05 -2.04 2.79
C HIS A 102 7.40 -3.07 1.90
N VAL A 103 6.29 -3.63 2.40
CA VAL A 103 5.56 -4.62 1.62
C VAL A 103 4.09 -4.28 1.74
N LYS A 104 3.39 -4.26 0.62
CA LYS A 104 1.96 -3.98 0.65
C LYS A 104 1.29 -5.00 -0.24
N PRO A 105 0.42 -5.84 0.33
CA PRO A 105 -0.27 -6.85 -0.48
C PRO A 105 -1.07 -6.20 -1.60
N HIS A 106 -1.27 -6.94 -2.68
CA HIS A 106 -2.01 -6.47 -3.84
C HIS A 106 -3.44 -7.01 -3.93
N GLY A 107 -4.31 -6.22 -4.54
CA GLY A 107 -5.70 -6.58 -4.77
C GLY A 107 -6.42 -7.53 -3.83
N MSE A 108 -6.92 -8.64 -4.38
CA MSE A 108 -7.66 -9.63 -3.60
C MSE A 108 -6.92 -10.17 -2.38
O MSE A 108 -7.55 -10.49 -1.37
CB MSE A 108 -8.08 -10.80 -4.51
CG MSE A 108 -9.29 -10.48 -5.37
SE MSE A 108 -10.90 -10.24 -4.30
CE MSE A 108 -11.68 -11.99 -4.59
N LEU A 109 -5.60 -10.30 -2.46
CA LEU A 109 -4.83 -10.79 -1.32
C LEU A 109 -4.92 -9.75 -0.20
N TYR A 110 -4.78 -8.48 -0.60
CA TYR A 110 -4.87 -7.36 0.32
C TYR A 110 -6.29 -7.31 0.90
N ASN A 111 -7.27 -7.38 -0.01
CA ASN A 111 -8.69 -7.34 0.36
C ASN A 111 -9.08 -8.46 1.32
N GLN A 112 -8.62 -9.68 1.07
CA GLN A 112 -8.97 -10.80 1.92
C GLN A 112 -8.19 -10.80 3.24
N ALA A 113 -6.93 -10.37 3.19
CA ALA A 113 -6.10 -10.33 4.40
C ALA A 113 -6.66 -9.28 5.35
N ALA A 114 -7.42 -8.33 4.81
CA ALA A 114 -8.00 -7.29 5.64
C ALA A 114 -9.01 -7.87 6.62
N LYS A 115 -9.68 -8.96 6.23
CA LYS A 115 -10.70 -9.56 7.08
C LYS A 115 -10.38 -10.94 7.67
N GLU A 116 -9.46 -11.66 7.03
CA GLU A 116 -9.09 -12.99 7.49
C GLU A 116 -7.80 -12.99 8.29
N ALA A 117 -7.92 -13.15 9.61
CA ALA A 117 -6.77 -13.14 10.50
C ALA A 117 -5.67 -14.11 10.09
N GLN A 118 -6.06 -15.33 9.71
CA GLN A 118 -5.10 -16.36 9.31
C GLN A 118 -4.27 -15.95 8.11
N LEU A 119 -4.91 -15.26 7.17
CA LEU A 119 -4.24 -14.83 5.96
C LEU A 119 -3.31 -13.66 6.27
N ALA A 120 -3.79 -12.75 7.12
CA ALA A 120 -2.99 -11.59 7.52
C ALA A 120 -1.78 -12.10 8.27
N ASP A 121 -2.00 -13.08 9.14
CA ASP A 121 -0.93 -13.70 9.91
C ASP A 121 0.14 -14.30 8.98
N ALA A 122 -0.31 -14.98 7.93
CA ALA A 122 0.62 -15.61 6.98
C ALA A 122 1.53 -14.59 6.29
N ILE A 123 0.92 -13.49 5.87
CA ILE A 123 1.66 -12.46 5.17
C ILE A 123 2.68 -11.78 6.09
N ALA A 124 2.25 -11.46 7.31
CA ALA A 124 3.12 -10.82 8.29
C ALA A 124 4.33 -11.70 8.61
N ARG A 125 4.09 -12.98 8.79
CA ARG A 125 5.16 -13.92 9.10
C ARG A 125 6.16 -13.95 7.95
N ALA A 126 5.67 -13.91 6.71
CA ALA A 126 6.55 -13.93 5.55
C ALA A 126 7.39 -12.66 5.49
N VAL A 127 6.76 -11.52 5.75
CA VAL A 127 7.50 -10.28 5.72
C VAL A 127 8.57 -10.37 6.80
N TYR A 128 8.20 -10.86 7.97
CA TYR A 128 9.15 -10.97 9.07
C TYR A 128 10.30 -11.90 8.72
N ALA A 129 9.98 -13.05 8.14
CA ALA A 129 10.99 -14.03 7.74
C ALA A 129 11.94 -13.49 6.68
N CYS A 130 11.47 -12.56 5.85
CA CYS A 130 12.34 -12.00 4.82
C CYS A 130 13.33 -11.03 5.46
N ASP A 131 12.80 -10.07 6.21
CA ASP A 131 13.60 -9.03 6.87
C ASP A 131 12.75 -8.31 7.90
N PRO A 132 13.06 -8.48 9.20
CA PRO A 132 12.34 -7.85 10.31
C PRO A 132 12.23 -6.33 10.28
N ALA A 133 13.10 -5.68 9.50
CA ALA A 133 13.07 -4.23 9.42
C ALA A 133 12.10 -3.70 8.37
N LEU A 134 11.38 -4.60 7.69
CA LEU A 134 10.41 -4.19 6.67
C LEU A 134 9.11 -3.68 7.27
N ILE A 135 8.57 -2.62 6.68
CA ILE A 135 7.33 -2.02 7.12
C ILE A 135 6.17 -2.68 6.40
N LEU A 136 5.20 -3.17 7.15
CA LEU A 136 4.04 -3.83 6.58
C LEU A 136 2.95 -2.79 6.39
N VAL A 137 2.43 -2.68 5.16
CA VAL A 137 1.38 -1.71 4.89
C VAL A 137 0.08 -2.43 4.61
N GLY A 138 -0.98 -1.97 5.29
CA GLY A 138 -2.28 -2.57 5.12
C GLY A 138 -3.40 -1.58 5.37
N LEU A 139 -4.61 -1.96 4.99
CA LEU A 139 -5.79 -1.13 5.17
C LEU A 139 -5.92 -0.73 6.65
N ALA A 140 -6.21 0.54 6.91
CA ALA A 140 -6.34 1.01 8.29
C ALA A 140 -7.39 0.21 9.05
N GLY A 141 -7.08 -0.13 10.30
CA GLY A 141 -8.00 -0.87 11.14
C GLY A 141 -8.29 -2.30 10.72
N SER A 142 -7.45 -2.88 9.86
CA SER A 142 -7.68 -4.24 9.38
C SER A 142 -6.85 -5.29 10.10
N GLU A 143 -7.11 -6.55 9.78
CA GLU A 143 -6.40 -7.67 10.36
C GLU A 143 -4.91 -7.62 10.02
N LEU A 144 -4.57 -7.07 8.86
CA LEU A 144 -3.16 -7.01 8.47
C LEU A 144 -2.36 -6.10 9.39
N ILE A 145 -2.96 -5.01 9.87
CA ILE A 145 -2.23 -4.11 10.77
C ILE A 145 -2.03 -4.81 12.10
N ARG A 146 -3.06 -5.55 12.52
CA ARG A 146 -3.02 -6.30 13.76
C ARG A 146 -1.91 -7.34 13.72
N ALA A 147 -1.89 -8.13 12.64
CA ALA A 147 -0.89 -9.18 12.44
C ALA A 147 0.51 -8.57 12.43
N GLY A 148 0.64 -7.41 11.80
CA GLY A 148 1.92 -6.74 11.73
C GLY A 148 2.45 -6.39 13.11
N LYS A 149 1.68 -5.64 13.89
CA LYS A 149 2.15 -5.28 15.22
C LYS A 149 2.23 -6.49 16.13
N GLN A 150 1.51 -7.56 15.78
CA GLN A 150 1.54 -8.78 16.57
C GLN A 150 2.94 -9.40 16.51
N TYR A 151 3.63 -9.19 15.38
CA TYR A 151 4.97 -9.75 15.21
C TYR A 151 6.12 -8.77 15.32
N GLY A 152 5.88 -7.63 15.96
CA GLY A 152 6.91 -6.64 16.12
C GLY A 152 7.32 -5.90 14.87
N LEU A 153 6.53 -6.04 13.81
CA LEU A 153 6.83 -5.36 12.56
C LEU A 153 6.30 -3.94 12.58
N THR A 154 7.09 -3.01 12.06
CA THR A 154 6.62 -1.64 11.99
C THR A 154 5.48 -1.74 10.98
N THR A 155 4.33 -1.15 11.29
CA THR A 155 3.17 -1.20 10.40
C THR A 155 2.59 0.18 10.08
N ARG A 156 2.14 0.36 8.86
CA ARG A 156 1.55 1.64 8.46
C ARG A 156 0.17 1.44 7.86
N GLU A 157 -0.80 2.19 8.37
CA GLU A 157 -2.17 2.09 7.93
C GLU A 157 -2.49 2.94 6.72
N GLU A 158 -3.13 2.33 5.74
CA GLU A 158 -3.47 3.01 4.50
C GLU A 158 -4.92 3.50 4.45
N VAL A 159 -5.10 4.70 3.92
CA VAL A 159 -6.43 5.30 3.75
C VAL A 159 -6.62 5.66 2.29
N PHE A 160 -7.87 5.87 1.90
CA PHE A 160 -8.18 6.20 0.51
C PHE A 160 -8.95 7.49 0.36
N ALA A 161 -8.47 8.31 -0.58
CA ALA A 161 -9.06 9.61 -0.85
C ALA A 161 -10.43 9.55 -1.55
N ASP A 162 -10.58 8.60 -2.46
CA ASP A 162 -11.82 8.47 -3.24
C ASP A 162 -12.81 7.42 -2.75
N ARG A 163 -12.66 6.93 -1.53
CA ARG A 163 -13.58 5.92 -1.03
C ARG A 163 -14.37 6.39 0.18
N GLY A 164 -15.60 5.90 0.28
CA GLY A 164 -16.45 6.26 1.40
C GLY A 164 -16.20 5.35 2.59
N TYR A 165 -16.24 5.92 3.79
CA TYR A 165 -16.00 5.15 5.01
C TYR A 165 -17.26 4.95 5.83
N GLN A 166 -17.25 3.88 6.62
CA GLN A 166 -18.37 3.55 7.49
C GLN A 166 -18.05 4.14 8.86
N ALA A 167 -18.97 3.96 9.81
CA ALA A 167 -18.77 4.49 11.16
C ALA A 167 -17.61 3.81 11.88
N ASP A 168 -17.48 2.50 11.72
CA ASP A 168 -16.42 1.72 12.36
C ASP A 168 -15.03 2.07 11.85
N GLY A 169 -14.95 2.81 10.75
CA GLY A 169 -13.64 3.19 10.22
C GLY A 169 -13.17 2.37 9.04
N SER A 170 -14.01 1.45 8.57
CA SER A 170 -13.65 0.63 7.41
C SER A 170 -14.33 1.20 6.17
N LEU A 171 -13.98 0.68 5.01
CA LEU A 171 -14.57 1.17 3.77
C LEU A 171 -15.93 0.55 3.54
N VAL A 172 -16.75 1.22 2.74
CA VAL A 172 -18.06 0.72 2.38
C VAL A 172 -17.80 -0.19 1.20
N PRO A 173 -18.38 -1.40 1.19
CA PRO A 173 -18.13 -2.31 0.07
C PRO A 173 -18.37 -1.63 -1.27
N ARG A 174 -17.52 -1.92 -2.26
CA ARG A 174 -17.63 -1.30 -3.58
C ARG A 174 -19.07 -1.17 -4.06
N SER A 175 -19.30 -0.15 -4.88
CA SER A 175 -20.62 0.16 -5.41
C SER A 175 -21.36 0.89 -4.27
N GLN A 176 -22.01 0.11 -3.43
CA GLN A 176 -22.71 0.65 -2.28
C GLN A 176 -23.04 -0.54 -1.39
N SER A 177 -22.22 -1.58 -1.56
CA SER A 177 -22.33 -2.82 -0.81
C SER A 177 -23.53 -3.70 -1.20
N GLY A 178 -23.27 -4.74 -1.98
CA GLY A 178 -24.35 -5.63 -2.39
C GLY A 178 -24.94 -6.37 -1.21
N GLU A 184 -16.38 13.34 -7.50
CA GLU A 184 -16.21 14.74 -7.06
C GLU A 184 -14.94 14.91 -6.24
N GLU A 185 -14.36 16.10 -6.28
CA GLU A 185 -13.14 16.34 -5.51
C GLU A 185 -13.41 16.74 -4.06
N GLN A 186 -14.26 15.95 -3.41
CA GLN A 186 -14.57 16.16 -1.99
C GLN A 186 -13.50 15.27 -1.37
N ALA A 187 -12.89 14.46 -2.23
CA ALA A 187 -11.85 13.51 -1.86
C ALA A 187 -10.71 14.26 -1.19
N LEU A 188 -10.36 15.42 -1.75
CA LEU A 188 -9.30 16.26 -1.22
C LEU A 188 -9.59 16.56 0.25
N ALA A 189 -10.73 17.17 0.50
CA ALA A 189 -11.12 17.52 1.87
C ALA A 189 -11.09 16.29 2.78
N GLN A 190 -11.58 15.16 2.29
CA GLN A 190 -11.59 13.96 3.09
C GLN A 190 -10.15 13.58 3.43
N THR A 191 -9.28 13.63 2.42
CA THR A 191 -7.87 13.28 2.60
C THR A 191 -7.19 14.23 3.59
N LEU A 192 -7.44 15.52 3.44
CA LEU A 192 -6.86 16.54 4.32
C LEU A 192 -7.32 16.33 5.75
N GLU A 193 -8.59 15.97 5.90
CA GLU A 193 -9.20 15.74 7.21
C GLU A 193 -8.55 14.55 7.93
N MSE A 194 -8.37 13.45 7.22
CA MSE A 194 -7.76 12.25 7.82
C MSE A 194 -6.30 12.42 8.21
O MSE A 194 -5.89 11.99 9.28
CB MSE A 194 -7.90 11.07 6.84
CG MSE A 194 -9.33 10.65 6.56
SE MSE A 194 -9.48 9.13 5.38
CE MSE A 194 -9.86 7.76 6.68
N VAL A 195 -5.53 13.07 7.35
CA VAL A 195 -4.11 13.28 7.61
C VAL A 195 -3.87 14.30 8.72
N GLN A 196 -4.60 15.41 8.67
CA GLN A 196 -4.45 16.46 9.68
C GLN A 196 -4.99 16.15 11.07
N HIS A 197 -6.16 15.54 11.15
CA HIS A 197 -6.76 15.26 12.46
C HIS A 197 -7.18 13.81 12.72
N GLY A 198 -6.73 12.88 11.87
CA GLY A 198 -7.04 11.49 12.06
C GLY A 198 -8.49 11.06 12.16
N ARG A 199 -9.38 11.69 11.38
CA ARG A 199 -10.79 11.33 11.40
C ARG A 199 -11.45 11.52 10.04
N VAL A 200 -12.57 10.84 9.81
CA VAL A 200 -13.27 10.94 8.54
C VAL A 200 -14.79 10.85 8.69
N LYS A 201 -15.50 11.70 7.96
CA LYS A 201 -16.96 11.75 7.98
C LYS A 201 -17.47 10.50 7.25
N SER A 202 -18.17 9.62 7.97
CA SER A 202 -18.69 8.40 7.34
C SER A 202 -19.95 8.70 6.54
N ILE A 203 -20.34 7.78 5.67
CA ILE A 203 -21.53 8.00 4.87
C ILE A 203 -22.79 7.93 5.75
N THR A 204 -22.61 7.52 7.00
CA THR A 204 -23.73 7.43 7.93
C THR A 204 -23.83 8.78 8.66
N GLY A 205 -22.85 9.64 8.43
CA GLY A 205 -22.85 10.96 9.06
C GLY A 205 -21.97 11.08 10.29
N GLU A 206 -21.71 9.95 10.95
CA GLU A 206 -20.90 9.94 12.15
C GLU A 206 -19.39 10.01 11.87
N TRP A 207 -18.65 10.60 12.79
CA TRP A 207 -17.19 10.73 12.65
C TRP A 207 -16.48 9.45 13.07
N ALA A 208 -15.60 8.96 12.20
CA ALA A 208 -14.84 7.74 12.48
C ALA A 208 -13.36 8.04 12.56
N THR A 209 -12.71 7.55 13.61
CA THR A 209 -11.28 7.76 13.81
C THR A 209 -10.45 6.82 12.95
N VAL A 210 -9.35 7.35 12.40
CA VAL A 210 -8.43 6.58 11.56
C VAL A 210 -6.98 6.96 11.78
N ALA A 211 -6.07 6.06 11.41
CA ALA A 211 -4.64 6.28 11.58
C ALA A 211 -4.03 7.09 10.43
N ALA A 212 -4.48 6.80 9.21
CA ALA A 212 -4.02 7.49 8.00
C ALA A 212 -2.54 7.86 7.98
N GLN A 213 -1.67 6.88 7.76
CA GLN A 213 -0.23 7.12 7.72
C GLN A 213 0.30 7.13 6.29
N THR A 214 -0.55 6.71 5.35
CA THR A 214 -0.19 6.72 3.95
C THR A 214 -1.44 6.67 3.09
N VAL A 215 -1.43 7.44 2.00
CA VAL A 215 -2.55 7.52 1.08
C VAL A 215 -2.14 6.94 -0.28
N CYS A 216 -2.98 6.06 -0.80
CA CYS A 216 -2.73 5.42 -2.09
C CYS A 216 -3.19 6.30 -3.26
N LEU A 217 -2.23 6.68 -4.10
CA LEU A 217 -2.53 7.53 -5.26
C LEU A 217 -2.70 6.71 -6.54
N HIS A 218 -3.90 6.71 -7.09
CA HIS A 218 -4.17 5.97 -8.32
C HIS A 218 -3.56 6.75 -9.50
N GLY A 219 -2.69 6.09 -10.25
CA GLY A 219 -2.07 6.75 -11.39
C GLY A 219 -2.64 6.28 -12.70
N ASP A 220 -3.57 5.33 -12.64
CA ASP A 220 -4.21 4.79 -13.83
C ASP A 220 -5.27 5.74 -14.36
N GLY A 221 -4.83 6.87 -14.89
CA GLY A 221 -5.76 7.85 -15.43
C GLY A 221 -5.08 8.78 -16.41
N HIS A 223 -6.99 11.08 -17.19
CA HIS A 223 -6.05 12.03 -16.59
C HIS A 223 -6.34 12.16 -15.10
N ALA A 224 -6.01 11.10 -14.36
CA ALA A 224 -6.21 11.07 -12.91
C ALA A 224 -4.92 11.52 -12.23
N LEU A 225 -3.93 11.88 -13.03
CA LEU A 225 -2.64 12.33 -12.52
C LEU A 225 -2.80 13.75 -12.01
N ALA A 226 -3.85 14.42 -12.48
CA ALA A 226 -4.12 15.79 -12.06
C ALA A 226 -4.52 15.84 -10.59
N PHE A 227 -5.30 14.87 -10.16
CA PHE A 227 -5.72 14.81 -8.76
C PHE A 227 -4.51 14.62 -7.87
N ALA A 228 -3.57 13.78 -8.33
CA ALA A 228 -2.35 13.51 -7.58
C ALA A 228 -1.61 14.81 -7.27
N ARG A 229 -1.28 15.55 -8.32
CA ARG A 229 -0.56 16.81 -8.13
C ARG A 229 -1.38 17.83 -7.36
N ARG A 230 -2.70 17.81 -7.57
CA ARG A 230 -3.57 18.74 -6.87
C ARG A 230 -3.64 18.39 -5.39
N LEU A 231 -3.49 17.11 -5.09
CA LEU A 231 -3.53 16.64 -3.72
C LEU A 231 -2.31 17.17 -2.99
N ARG A 232 -1.16 17.12 -3.66
CA ARG A 232 0.09 17.62 -3.07
C ARG A 232 0.03 19.13 -2.90
N SER A 233 -0.53 19.83 -3.88
CA SER A 233 -0.64 21.28 -3.82
C SER A 233 -1.44 21.60 -2.56
N ALA A 234 -2.52 20.84 -2.35
CA ALA A 234 -3.38 21.02 -1.19
C ALA A 234 -2.57 20.77 0.07
N PHE A 235 -1.73 19.74 0.03
CA PHE A 235 -0.88 19.41 1.17
C PHE A 235 0.09 20.56 1.44
N ILE A 240 1.14 18.92 4.31
CA ILE A 240 2.48 19.44 4.52
C ILE A 240 3.50 18.31 4.56
N VAL A 241 4.62 18.53 3.90
CA VAL A 241 5.73 17.57 3.78
C VAL A 241 5.39 16.10 3.58
N VAL A 242 5.62 15.63 2.35
CA VAL A 242 5.38 14.24 1.98
C VAL A 242 6.71 13.51 2.23
N ALA A 243 6.67 12.43 3.01
CA ALA A 243 7.90 11.69 3.31
C ALA A 243 7.66 10.20 3.52
N ALA A 244 8.73 9.43 3.31
CA ALA A 244 8.70 7.98 3.47
C ALA A 244 8.60 7.61 4.93
N LEU A 245 8.10 6.40 5.19
CA LEU A 245 7.94 5.90 6.54
C LEU A 245 9.33 5.65 7.14
N GLU A 246 9.68 6.39 8.19
CA GLU A 246 10.97 6.25 8.83
C GLU A 246 10.86 5.84 10.30
N HIS A 247 9.87 5.00 10.59
CA HIS A 247 9.65 4.55 11.96
C HIS A 247 10.83 3.72 12.45
#